data_3FDI
#
_entry.id   3FDI
#
_cell.length_a   84.613
_cell.length_b   114.932
_cell.length_c   59.530
_cell.angle_alpha   90.00
_cell.angle_beta   128.06
_cell.angle_gamma   90.00
#
_symmetry.space_group_name_H-M   'C 1 2 1'
#
loop_
_entity.id
_entity.type
_entity.pdbx_description
1 polymer 'uncharacterized protein'
2 non-polymer 'SULFATE ION'
3 non-polymer 'CHLORIDE ION'
4 water water
#
_entity_poly.entity_id   1
_entity_poly.type   'polypeptide(L)'
_entity_poly.pdbx_seq_one_letter_code
;SNA(MSE)KQIIIAIGREFGSGGHLVAKKLAEHYNIPLYSKELLDEVAKDGRYSKEVLERFDEKP(MSE)NFAFIPVPAG
GTTISLEQDIAIRQFNFIRKKANEEKESFVIVGRCAEEILSDNPN(MSE)ISAFILGDKDTKTKRV(MSE)EREGVDEKT
ALN(MSE)(MSE)KK(MSE)DK(MSE)RKVYHNFYCESKWGDSRTYDICIKIGKVDVDTATD(MSE)IIKYIDSRDN
;
_entity_poly.pdbx_strand_id   A,B
#
loop_
_chem_comp.id
_chem_comp.type
_chem_comp.name
_chem_comp.formula
CL non-polymer 'CHLORIDE ION' 'Cl -1'
SO4 non-polymer 'SULFATE ION' 'O4 S -2'
#
# COMPACT_ATOMS: atom_id res chain seq x y z
N GLN A 6 0.65 -22.28 11.33
CA GLN A 6 -0.69 -21.71 11.69
C GLN A 6 -0.81 -20.24 11.38
N ILE A 7 0.05 -19.39 11.97
CA ILE A 7 0.17 -17.98 11.54
C ILE A 7 1.64 -17.67 11.30
N ILE A 8 1.98 -17.30 10.07
CA ILE A 8 3.31 -16.73 9.76
C ILE A 8 3.12 -15.32 9.24
N ILE A 9 3.77 -14.35 9.87
CA ILE A 9 3.68 -12.94 9.46
C ILE A 9 5.04 -12.48 8.92
N ALA A 10 5.15 -12.19 7.62
CA ALA A 10 6.38 -11.66 6.94
C ALA A 10 6.32 -10.11 6.86
N ILE A 11 7.26 -9.41 7.49
CA ILE A 11 7.21 -7.97 7.64
C ILE A 11 8.32 -7.41 6.78
N GLY A 12 7.99 -6.50 5.88
CA GLY A 12 9.01 -5.67 5.19
C GLY A 12 8.83 -4.26 5.70
N ARG A 13 9.79 -3.37 5.47
CA ARG A 13 9.72 -2.06 6.07
C ARG A 13 10.82 -1.18 5.52
N GLU A 14 10.51 0.12 5.46
CA GLU A 14 11.44 1.20 5.26
C GLU A 14 12.14 1.46 6.56
N PHE A 15 13.41 1.79 6.47
CA PHE A 15 14.19 2.01 7.65
C PHE A 15 13.60 3.21 8.40
N GLY A 16 13.33 3.00 9.69
CA GLY A 16 12.83 4.06 10.58
C GLY A 16 11.33 4.23 10.60
N SER A 17 10.60 3.36 9.91
CA SER A 17 9.14 3.42 9.82
C SER A 17 8.42 2.89 11.03
N GLY A 18 9.12 2.18 11.93
CA GLY A 18 8.44 1.52 13.04
C GLY A 18 8.12 0.07 12.75
N GLY A 19 8.67 -0.48 11.70
CA GLY A 19 8.44 -1.89 11.32
C GLY A 19 8.86 -2.94 12.34
N HIS A 20 10.00 -2.73 12.97
CA HIS A 20 10.40 -3.63 14.07
C HIS A 20 9.39 -3.61 15.23
N LEU A 21 8.93 -2.41 15.61
CA LEU A 21 8.01 -2.25 16.70
C LEU A 21 6.70 -2.95 16.33
N VAL A 22 6.25 -2.80 15.08
CA VAL A 22 5.07 -3.55 14.64
C VAL A 22 5.21 -5.07 14.70
N ALA A 23 6.31 -5.57 14.15
CA ALA A 23 6.68 -6.97 14.20
C ALA A 23 6.66 -7.56 15.66
N LYS A 24 7.19 -6.82 16.60
CA LYS A 24 7.33 -7.26 17.97
C LYS A 24 5.96 -7.27 18.62
N LYS A 25 5.20 -6.21 18.42
CA LYS A 25 3.88 -6.11 18.97
C LYS A 25 2.98 -7.19 18.44
N LEU A 26 3.14 -7.56 17.19
CA LEU A 26 2.37 -8.63 16.62
C LEU A 26 2.77 -9.97 17.23
N ALA A 27 4.05 -10.16 17.48
CA ALA A 27 4.54 -11.39 18.04
C ALA A 27 4.08 -11.56 19.47
N GLU A 28 4.06 -10.48 20.21
CA GLU A 28 3.49 -10.46 21.58
C GLU A 28 2.02 -10.75 21.54
N HIS A 29 1.29 -10.06 20.66
CA HIS A 29 -0.14 -10.36 20.50
C HIS A 29 -0.42 -11.85 20.31
N TYR A 30 0.17 -12.49 19.30
CA TYR A 30 -0.11 -13.90 19.04
C TYR A 30 0.72 -14.88 19.87
N ASN A 31 1.55 -14.37 20.77
CA ASN A 31 2.54 -15.16 21.55
C ASN A 31 3.39 -16.18 20.78
N ILE A 32 4.10 -15.65 19.79
CA ILE A 32 4.93 -16.43 18.86
C ILE A 32 6.28 -15.77 18.71
N PRO A 33 7.25 -16.50 18.19
CA PRO A 33 8.58 -15.94 18.05
C PRO A 33 8.75 -14.83 16.97
N LEU A 34 9.65 -13.90 17.27
CA LEU A 34 10.11 -12.91 16.30
C LEU A 34 11.49 -13.30 15.83
N TYR A 35 11.58 -13.76 14.59
CA TYR A 35 12.84 -13.97 13.91
C TYR A 35 13.25 -12.76 13.05
N SER A 36 14.54 -12.50 13.06
CA SER A 36 15.18 -11.44 12.28
C SER A 36 16.46 -11.96 11.61
N LYS A 37 17.13 -11.08 10.86
CA LYS A 37 18.49 -11.30 10.35
C LYS A 37 19.45 -11.72 11.51
N GLU A 38 19.49 -10.95 12.61
CA GLU A 38 20.37 -11.27 13.76
C GLU A 38 20.27 -12.70 14.23
N LEU A 39 19.04 -13.17 14.40
CA LEU A 39 18.79 -14.54 14.87
C LEU A 39 19.20 -15.58 13.84
N LEU A 40 18.86 -15.27 12.60
CA LEU A 40 19.11 -16.20 11.47
C LEU A 40 20.60 -16.29 11.19
N ASP A 41 21.30 -15.20 11.46
CA ASP A 41 22.73 -15.14 11.27
C ASP A 41 23.39 -16.13 12.20
N GLU A 42 22.89 -16.16 13.43
CA GLU A 42 23.43 -17.07 14.39
C GLU A 42 23.02 -18.44 14.01
N VAL A 43 21.73 -18.63 13.87
CA VAL A 43 21.18 -19.97 13.82
C VAL A 43 21.35 -20.66 12.45
N ALA A 44 22.20 -20.13 11.56
CA ALA A 44 22.52 -20.79 10.28
C ALA A 44 24.01 -20.84 9.86
N LYS A 45 24.93 -20.92 10.81
CA LYS A 45 26.30 -21.32 10.47
C LYS A 45 26.45 -22.85 10.41
N ASP A 46 25.34 -23.58 10.55
CA ASP A 46 25.20 -24.99 10.09
C ASP A 46 23.88 -25.10 9.33
N GLN A 80 25.84 -14.85 0.58
CA GLN A 80 25.03 -15.54 -0.43
C GLN A 80 24.95 -17.07 -0.24
N ASP A 81 25.99 -17.65 0.33
CA ASP A 81 25.89 -19.01 0.83
C ASP A 81 25.02 -18.99 2.09
N ILE A 82 25.26 -17.96 2.92
CA ILE A 82 24.50 -17.67 4.13
C ILE A 82 23.00 -17.61 3.86
N ALA A 83 22.67 -17.09 2.69
CA ALA A 83 21.31 -16.74 2.33
C ALA A 83 20.52 -18.00 2.10
N ILE A 84 21.16 -19.00 1.49
CA ILE A 84 20.52 -20.26 1.20
C ILE A 84 20.19 -21.01 2.50
N ARG A 85 21.12 -20.91 3.44
CA ARG A 85 20.96 -21.53 4.73
C ARG A 85 19.78 -20.91 5.48
N GLN A 86 19.69 -19.58 5.44
CA GLN A 86 18.59 -18.84 6.08
C GLN A 86 17.26 -19.11 5.41
N PHE A 87 17.25 -19.20 4.09
CA PHE A 87 16.01 -19.43 3.40
C PHE A 87 15.51 -20.82 3.76
N ASN A 88 16.42 -21.76 3.69
CA ASN A 88 16.09 -23.16 3.95
C ASN A 88 15.62 -23.32 5.42
N PHE A 89 16.21 -22.54 6.34
CA PHE A 89 15.73 -22.51 7.74
C PHE A 89 14.29 -22.00 7.89
N ILE A 90 13.98 -20.89 7.24
CA ILE A 90 12.64 -20.32 7.29
C ILE A 90 11.66 -21.31 6.71
N ARG A 91 12.06 -21.94 5.61
CA ARG A 91 11.27 -23.00 5.00
C ARG A 91 11.02 -24.21 5.94
N LYS A 92 12.07 -24.70 6.62
CA LYS A 92 11.89 -25.79 7.60
C LYS A 92 10.79 -25.41 8.56
N LYS A 93 11.01 -24.32 9.28
CA LYS A 93 10.10 -23.83 10.31
C LYS A 93 8.67 -23.65 9.80
N ALA A 94 8.54 -23.11 8.60
CA ALA A 94 7.25 -22.91 7.99
C ALA A 94 6.60 -24.24 7.69
N ASN A 95 7.27 -25.02 6.86
CA ASN A 95 6.59 -26.00 6.04
C ASN A 95 6.57 -27.36 6.65
N GLU A 96 7.64 -27.70 7.34
CA GLU A 96 7.82 -29.03 7.84
C GLU A 96 7.57 -29.12 9.34
N GLU A 97 8.20 -28.21 10.07
CA GLU A 97 8.02 -28.06 11.50
C GLU A 97 6.67 -27.38 11.83
N LYS A 98 6.07 -26.73 10.82
CA LYS A 98 4.77 -26.03 10.91
C LYS A 98 4.67 -25.01 12.04
N GLU A 99 5.76 -24.31 12.33
CA GLU A 99 5.79 -23.37 13.43
C GLU A 99 5.11 -22.06 13.03
N SER A 100 4.72 -21.28 14.05
CA SER A 100 4.17 -19.94 13.85
C SER A 100 5.26 -18.97 14.23
N PHE A 101 5.39 -17.88 13.47
CA PHE A 101 6.35 -16.83 13.79
C PHE A 101 6.09 -15.59 13.00
N VAL A 102 6.80 -14.55 13.41
CA VAL A 102 6.92 -13.32 12.72
C VAL A 102 8.35 -13.32 12.20
N ILE A 103 8.56 -12.84 10.98
CA ILE A 103 9.91 -12.71 10.43
C ILE A 103 10.02 -11.31 9.80
N VAL A 104 11.03 -10.53 10.21
CA VAL A 104 11.34 -9.32 9.48
C VAL A 104 12.35 -9.57 8.36
N GLY A 105 12.01 -9.06 7.19
CA GLY A 105 12.85 -9.10 6.04
C GLY A 105 13.07 -10.51 5.53
N ARG A 106 14.32 -10.77 5.13
CA ARG A 106 14.80 -12.05 4.73
C ARG A 106 14.04 -12.70 3.56
N CYS A 107 13.54 -11.89 2.63
CA CYS A 107 12.72 -12.36 1.53
C CYS A 107 11.61 -13.29 1.98
N ALA A 108 11.17 -13.15 3.23
CA ALA A 108 10.29 -14.17 3.81
C ALA A 108 9.00 -14.29 2.99
N GLU A 109 8.46 -13.19 2.45
CA GLU A 109 7.18 -13.29 1.68
C GLU A 109 7.34 -14.07 0.36
N GLU A 110 8.53 -14.02 -0.23
CA GLU A 110 8.90 -14.78 -1.42
C GLU A 110 9.18 -16.26 -1.12
N ILE A 111 10.04 -16.51 -0.12
CA ILE A 111 10.33 -17.84 0.37
C ILE A 111 9.08 -18.61 0.83
N LEU A 112 8.15 -17.93 1.48
CA LEU A 112 7.00 -18.62 2.09
C LEU A 112 5.73 -18.50 1.26
N SER A 113 5.97 -18.31 -0.03
CA SER A 113 4.99 -17.84 -0.96
C SER A 113 3.80 -18.78 -1.17
N ASP A 114 3.99 -20.09 -1.11
CA ASP A 114 2.83 -21.00 -1.22
C ASP A 114 2.46 -21.62 0.07
N ASN A 115 2.72 -20.91 1.15
CA ASN A 115 2.29 -21.43 2.41
C ASN A 115 1.08 -20.58 2.69
N PRO A 116 -0.09 -21.19 2.63
CA PRO A 116 -1.33 -20.48 2.69
C PRO A 116 -1.57 -19.85 4.04
N ASN A 117 -0.75 -20.15 5.05
CA ASN A 117 -0.86 -19.53 6.39
C ASN A 117 0.00 -18.29 6.64
N MSE A 118 0.73 -17.82 5.65
CA MSE A 118 1.51 -16.64 5.89
C MSE A 118 0.87 -15.46 5.23
O MSE A 118 0.36 -15.57 4.15
CB MSE A 118 2.92 -16.80 5.38
CG MSE A 118 3.07 -16.38 3.99
SE MSE A 118 3.49 -14.52 3.69
CE MSE A 118 3.99 -14.81 1.94
N ILE A 119 0.92 -14.35 5.92
CA ILE A 119 0.54 -13.08 5.39
C ILE A 119 1.74 -12.14 5.46
N SER A 120 1.79 -11.19 4.55
CA SER A 120 2.90 -10.23 4.51
C SER A 120 2.33 -8.86 4.61
N ALA A 121 3.15 -7.97 5.18
CA ALA A 121 2.88 -6.56 5.33
C ALA A 121 4.19 -5.76 5.15
N PHE A 122 4.05 -4.59 4.51
CA PHE A 122 5.15 -3.66 4.31
C PHE A 122 4.81 -2.40 5.08
N ILE A 123 5.71 -2.00 5.96
CA ILE A 123 5.47 -0.84 6.86
C ILE A 123 6.30 0.33 6.34
N LEU A 124 5.66 1.47 6.18
CA LEU A 124 6.31 2.64 5.67
C LEU A 124 6.05 3.77 6.58
N GLY A 125 6.66 4.89 6.30
CA GLY A 125 6.43 6.02 7.16
C GLY A 125 6.54 7.38 6.47
N ASP A 126 5.92 8.35 7.09
CA ASP A 126 6.16 9.78 6.80
C ASP A 126 7.66 10.13 6.96
N LYS A 127 8.23 10.90 6.03
CA LYS A 127 9.66 11.33 6.17
C LYS A 127 10.03 11.94 7.54
N ASP A 128 9.26 12.93 8.00
CA ASP A 128 9.46 13.55 9.33
C ASP A 128 9.31 12.58 10.54
N THR A 129 8.29 11.72 10.52
CA THR A 129 8.14 10.70 11.57
C THR A 129 9.37 9.77 11.60
N LYS A 130 9.76 9.26 10.44
CA LYS A 130 10.94 8.42 10.33
C LYS A 130 12.19 9.12 10.82
N THR A 131 12.39 10.37 10.40
CA THR A 131 13.60 11.13 10.80
C THR A 131 13.76 11.22 12.29
N LYS A 132 12.69 11.53 12.98
CA LYS A 132 12.74 11.60 14.44
C LYS A 132 12.99 10.25 15.10
N ARG A 133 12.43 9.19 14.52
CA ARG A 133 12.60 7.89 15.09
C ARG A 133 14.06 7.52 14.94
N VAL A 134 14.66 7.79 13.78
CA VAL A 134 16.05 7.44 13.57
C VAL A 134 17.03 8.34 14.34
N MSE A 135 16.78 9.66 14.44
CA MSE A 135 17.66 10.49 15.34
C MSE A 135 17.71 9.97 16.78
O MSE A 135 18.76 9.79 17.35
CB MSE A 135 17.22 11.97 15.37
CG MSE A 135 17.25 12.70 13.99
SE MSE A 135 16.36 14.46 14.05
CE MSE A 135 16.72 14.61 12.20
N GLU A 136 16.53 9.69 17.33
CA GLU A 136 16.33 9.22 18.70
C GLU A 136 17.08 7.90 18.88
N ARG A 137 16.70 6.84 18.13
CA ARG A 137 17.33 5.50 18.22
C ARG A 137 18.84 5.51 18.07
N GLU A 138 19.31 6.23 17.07
CA GLU A 138 20.71 6.18 16.74
C GLU A 138 21.52 7.38 17.32
N GLY A 139 20.87 8.34 17.99
CA GLY A 139 21.56 9.53 18.56
C GLY A 139 22.31 10.26 17.46
N VAL A 140 21.64 10.56 16.34
CA VAL A 140 22.30 11.29 15.27
C VAL A 140 21.51 12.51 14.85
N ASP A 141 22.18 13.42 14.15
CA ASP A 141 21.46 14.57 13.61
C ASP A 141 20.58 14.24 12.42
N GLU A 142 19.80 15.25 12.06
CA GLU A 142 18.90 15.15 10.97
C GLU A 142 19.53 14.70 9.64
N LYS A 143 20.65 15.34 9.27
CA LYS A 143 21.31 15.13 7.99
C LYS A 143 21.68 13.67 7.95
N THR A 144 22.42 13.21 8.96
CA THR A 144 22.80 11.83 9.01
C THR A 144 21.61 10.84 9.10
N ALA A 145 20.53 11.18 9.83
CA ALA A 145 19.37 10.31 9.87
C ALA A 145 18.90 10.04 8.48
N LEU A 146 18.76 11.13 7.73
CA LEU A 146 18.23 11.03 6.38
C LEU A 146 19.14 10.20 5.45
N ASN A 147 20.45 10.35 5.58
CA ASN A 147 21.38 9.52 4.83
C ASN A 147 21.34 8.04 5.22
N MSE A 148 21.21 7.74 6.51
CA MSE A 148 21.06 6.36 6.94
C MSE A 148 19.82 5.72 6.32
O MSE A 148 19.83 4.55 5.92
CB MSE A 148 20.95 6.23 8.42
CG MSE A 148 22.24 6.47 9.13
SE MSE A 148 21.89 6.22 11.01
CE MSE A 148 21.22 4.40 10.85
N MSE A 149 18.74 6.50 6.26
CA MSE A 149 17.48 6.01 5.74
C MSE A 149 17.63 5.61 4.27
O MSE A 149 17.15 4.55 3.86
CB MSE A 149 16.38 7.06 5.88
CG MSE A 149 15.83 7.13 7.29
SE MSE A 149 15.00 8.89 7.69
CE MSE A 149 13.78 8.81 6.32
N LYS A 150 18.24 6.50 3.51
CA LYS A 150 18.48 6.29 2.10
C LYS A 150 19.42 5.09 1.86
N LYS A 151 20.48 4.95 2.63
CA LYS A 151 21.41 3.88 2.41
C LYS A 151 20.79 2.52 2.81
N MSE A 152 20.09 2.51 3.92
CA MSE A 152 19.50 1.29 4.38
C MSE A 152 18.35 0.80 3.47
O MSE A 152 18.21 -0.38 3.24
CB MSE A 152 19.00 1.43 5.80
CG MSE A 152 20.06 1.64 6.82
SE MSE A 152 21.28 0.18 6.94
CE MSE A 152 20.04 -1.22 7.45
N ASP A 153 17.51 1.73 3.00
CA ASP A 153 16.49 1.39 2.04
C ASP A 153 17.08 0.92 0.71
N LYS A 154 18.16 1.53 0.21
CA LYS A 154 18.84 0.97 -0.95
C LYS A 154 19.37 -0.46 -0.73
N MSE A 155 19.99 -0.70 0.41
CA MSE A 155 20.48 -2.02 0.73
C MSE A 155 19.37 -3.04 0.82
O MSE A 155 19.50 -4.11 0.29
CB MSE A 155 21.27 -2.01 2.00
CG MSE A 155 22.54 -1.25 1.92
SE MSE A 155 23.53 -1.42 3.58
CE MSE A 155 24.48 0.27 3.67
N ARG A 156 18.25 -2.71 1.46
CA ARG A 156 17.12 -3.66 1.53
C ARG A 156 16.56 -3.96 0.14
N LYS A 157 16.47 -2.92 -0.68
CA LYS A 157 15.88 -3.04 -1.99
C LYS A 157 16.75 -3.98 -2.83
N VAL A 158 18.04 -3.74 -2.80
CA VAL A 158 19.02 -4.53 -3.52
C VAL A 158 19.02 -6.01 -3.14
N TYR A 159 18.99 -6.25 -1.84
CA TYR A 159 19.01 -7.59 -1.29
C TYR A 159 17.76 -8.31 -1.77
N HIS A 160 16.60 -7.73 -1.48
CA HIS A 160 15.33 -8.30 -1.90
C HIS A 160 15.20 -8.52 -3.41
N ASN A 161 15.59 -7.51 -4.20
CA ASN A 161 15.36 -7.60 -5.61
C ASN A 161 16.38 -8.48 -6.32
N PHE A 162 17.54 -8.69 -5.74
CA PHE A 162 18.41 -9.70 -6.25
C PHE A 162 17.73 -11.09 -6.14
N TYR A 163 17.31 -11.50 -4.94
CA TYR A 163 16.78 -12.84 -4.74
C TYR A 163 15.35 -13.05 -5.20
N CYS A 164 14.52 -12.03 -5.20
CA CYS A 164 13.13 -12.18 -5.55
C CYS A 164 12.91 -11.57 -6.88
N GLU A 165 11.83 -12.01 -7.50
CA GLU A 165 11.41 -11.54 -8.78
C GLU A 165 10.51 -10.34 -8.57
N SER A 166 9.75 -10.37 -7.49
CA SER A 166 8.94 -9.22 -7.08
C SER A 166 9.80 -8.06 -6.52
N LYS A 167 9.22 -6.87 -6.56
CA LYS A 167 9.92 -5.62 -6.20
C LYS A 167 9.63 -5.15 -4.77
N TRP A 168 10.71 -4.97 -4.01
CA TRP A 168 10.69 -4.38 -2.67
C TRP A 168 9.84 -3.10 -2.67
N GLY A 169 8.90 -2.99 -1.75
CA GLY A 169 8.12 -1.77 -1.62
C GLY A 169 6.87 -1.62 -2.51
N ASP A 170 6.71 -2.52 -3.49
CA ASP A 170 5.59 -2.43 -4.36
C ASP A 170 4.40 -3.14 -3.71
N SER A 171 3.19 -2.57 -3.82
CA SER A 171 1.99 -3.11 -3.15
C SER A 171 1.72 -4.54 -3.56
N ARG A 172 1.99 -4.89 -4.81
CA ARG A 172 1.72 -6.25 -5.26
C ARG A 172 2.57 -7.29 -4.58
N THR A 173 3.69 -6.86 -4.00
CA THR A 173 4.58 -7.78 -3.33
C THR A 173 4.01 -8.26 -1.98
N TYR A 174 3.02 -7.55 -1.41
CA TYR A 174 2.53 -7.78 -0.04
C TYR A 174 1.02 -7.87 0.02
N ASP A 175 0.49 -8.37 1.14
CA ASP A 175 -0.95 -8.41 1.34
C ASP A 175 -1.49 -7.06 1.84
N ILE A 176 -0.69 -6.38 2.66
CA ILE A 176 -1.00 -5.12 3.29
C ILE A 176 0.22 -4.22 3.28
N CYS A 177 0.01 -2.96 2.98
CA CYS A 177 0.99 -1.91 3.22
C CYS A 177 0.34 -0.78 4.03
N ILE A 178 1.06 -0.29 5.04
CA ILE A 178 0.58 0.74 5.94
C ILE A 178 1.64 1.79 6.17
N LYS A 179 1.24 3.04 6.01
CA LYS A 179 2.12 4.20 6.23
C LYS A 179 1.84 4.74 7.62
N ILE A 180 2.83 4.66 8.47
CA ILE A 180 2.77 5.13 9.83
C ILE A 180 3.20 6.56 9.85
N GLY A 181 2.36 7.41 10.40
CA GLY A 181 2.57 8.84 10.33
C GLY A 181 1.26 9.50 10.62
N LYS A 182 0.34 9.44 9.68
CA LYS A 182 -1.01 9.82 9.95
C LYS A 182 -1.54 8.99 11.11
N VAL A 183 -1.06 7.76 11.22
CA VAL A 183 -1.44 6.93 12.36
C VAL A 183 -0.20 6.36 13.01
N ASP A 184 -0.40 5.82 14.20
CA ASP A 184 0.67 5.33 15.07
C ASP A 184 0.84 3.82 14.95
N VAL A 185 1.91 3.31 15.58
CA VAL A 185 2.31 1.95 15.48
C VAL A 185 1.19 1.02 15.96
N ASP A 186 0.48 1.39 17.00
CA ASP A 186 -0.52 0.49 17.55
C ASP A 186 -1.67 0.29 16.56
N THR A 187 -2.06 1.36 15.87
CA THR A 187 -3.07 1.29 14.83
C THR A 187 -2.67 0.38 13.66
N ALA A 188 -1.48 0.60 13.08
CA ALA A 188 -0.93 -0.33 12.10
C ALA A 188 -1.01 -1.79 12.57
N THR A 189 -0.55 -2.04 13.80
CA THR A 189 -0.53 -3.36 14.35
C THR A 189 -1.94 -3.94 14.40
N ASP A 190 -2.91 -3.15 14.86
CA ASP A 190 -4.31 -3.60 14.89
C ASP A 190 -4.92 -3.81 13.52
N MSE A 191 -4.58 -2.97 12.53
CA MSE A 191 -5.09 -3.24 11.20
C MSE A 191 -4.57 -4.63 10.76
O MSE A 191 -5.33 -5.43 10.16
CB MSE A 191 -4.69 -2.17 10.21
CG MSE A 191 -5.56 -0.91 10.34
SE MSE A 191 -4.58 0.59 9.73
CE MSE A 191 -4.84 0.28 7.80
N ILE A 192 -3.29 -4.91 11.04
CA ILE A 192 -2.73 -6.18 10.55
C ILE A 192 -3.44 -7.36 11.23
N ILE A 193 -3.78 -7.25 12.51
CA ILE A 193 -4.45 -8.33 13.24
C ILE A 193 -5.89 -8.54 12.72
N LYS A 194 -6.56 -7.44 12.41
CA LYS A 194 -7.85 -7.52 11.77
C LYS A 194 -7.73 -8.35 10.49
N TYR A 195 -6.74 -8.01 9.69
CA TYR A 195 -6.52 -8.69 8.42
C TYR A 195 -6.38 -10.17 8.67
N ILE A 196 -5.44 -10.49 9.53
CA ILE A 196 -5.12 -11.85 9.87
C ILE A 196 -6.32 -12.56 10.48
N ASP A 197 -6.93 -11.97 11.49
CA ASP A 197 -8.08 -12.60 12.16
C ASP A 197 -9.32 -12.78 11.26
N SER A 198 -9.39 -12.11 10.13
CA SER A 198 -10.57 -12.27 9.31
C SER A 198 -10.43 -13.22 8.11
N ARG A 199 -9.39 -14.06 8.03
CA ARG A 199 -9.17 -14.88 6.81
C ARG A 199 -10.13 -16.06 6.62
N LYS B 5 -11.10 19.69 3.06
CA LYS B 5 -12.43 19.09 3.24
C LYS B 5 -12.31 18.33 4.52
N GLN B 6 -13.40 17.84 5.17
CA GLN B 6 -13.27 17.12 6.47
C GLN B 6 -12.76 15.70 6.30
N ILE B 7 -13.48 14.82 5.57
CA ILE B 7 -12.87 13.58 5.08
C ILE B 7 -12.90 13.43 3.55
N ILE B 8 -11.72 13.18 2.99
CA ILE B 8 -11.58 12.85 1.56
C ILE B 8 -10.83 11.51 1.44
N ILE B 9 -11.40 10.54 0.70
CA ILE B 9 -10.78 9.26 0.51
C ILE B 9 -10.49 9.05 -0.95
N ALA B 10 -9.21 8.87 -1.29
CA ALA B 10 -8.73 8.75 -2.67
C ALA B 10 -8.37 7.29 -2.87
N ILE B 11 -9.03 6.62 -3.78
CA ILE B 11 -8.89 5.19 -3.97
C ILE B 11 -8.31 4.95 -5.30
N GLY B 12 -7.23 4.19 -5.32
CA GLY B 12 -6.71 3.57 -6.51
C GLY B 12 -6.96 2.07 -6.44
N ARG B 13 -6.72 1.37 -7.54
CA ARG B 13 -7.12 -0.01 -7.63
C ARG B 13 -6.63 -0.71 -8.92
N GLU B 14 -6.39 -2.01 -8.80
CA GLU B 14 -6.22 -2.90 -9.94
C GLU B 14 -7.61 -3.28 -10.42
N PHE B 15 -7.72 -3.48 -11.73
CA PHE B 15 -8.97 -3.84 -12.34
C PHE B 15 -9.35 -5.22 -11.87
N GLY B 16 -10.60 -5.35 -11.47
CA GLY B 16 -11.09 -6.59 -10.89
C GLY B 16 -10.86 -6.84 -9.39
N SER B 17 -10.27 -5.88 -8.67
CA SER B 17 -9.86 -6.14 -7.29
C SER B 17 -10.94 -6.02 -6.27
N GLY B 18 -12.05 -5.39 -6.67
CA GLY B 18 -13.13 -5.04 -5.73
C GLY B 18 -13.02 -3.60 -5.28
N GLY B 19 -12.20 -2.82 -5.97
CA GLY B 19 -11.92 -1.44 -5.51
C GLY B 19 -13.11 -0.49 -5.59
N HIS B 20 -13.89 -0.56 -6.67
CA HIS B 20 -15.17 0.19 -6.72
C HIS B 20 -16.08 -0.19 -5.56
N LEU B 21 -16.21 -1.47 -5.22
CA LEU B 21 -17.08 -1.88 -4.13
C LEU B 21 -16.61 -1.32 -2.82
N VAL B 22 -15.30 -1.32 -2.58
CA VAL B 22 -14.76 -0.69 -1.36
C VAL B 22 -15.07 0.82 -1.35
N ALA B 23 -14.82 1.48 -2.47
CA ALA B 23 -15.10 2.93 -2.56
C ALA B 23 -16.58 3.22 -2.22
N LYS B 24 -17.48 2.47 -2.85
CA LYS B 24 -18.93 2.53 -2.53
C LYS B 24 -19.25 2.26 -1.06
N LYS B 25 -18.74 1.17 -0.53
CA LYS B 25 -18.94 0.85 0.89
C LYS B 25 -18.46 1.96 1.82
N LEU B 26 -17.29 2.49 1.57
CA LEU B 26 -16.79 3.65 2.33
C LEU B 26 -17.74 4.86 2.22
N ALA B 27 -18.16 5.21 0.99
CA ALA B 27 -19.00 6.40 0.77
C ALA B 27 -20.30 6.27 1.57
N GLU B 28 -20.87 5.08 1.54
CA GLU B 28 -22.06 4.78 2.31
C GLU B 28 -21.79 4.82 3.81
N HIS B 29 -20.64 4.33 4.27
CA HIS B 29 -20.39 4.32 5.72
C HIS B 29 -20.30 5.74 6.25
N TYR B 30 -19.62 6.61 5.52
CA TYR B 30 -19.47 7.99 5.94
C TYR B 30 -20.56 8.90 5.36
N ASN B 31 -21.49 8.33 4.59
CA ASN B 31 -22.55 9.10 3.95
C ASN B 31 -22.04 10.33 3.21
N ILE B 32 -21.12 10.11 2.27
CA ILE B 32 -20.59 11.17 1.43
C ILE B 32 -20.69 10.74 -0.04
N PRO B 33 -20.53 11.66 -0.98
CA PRO B 33 -20.57 11.29 -2.38
C PRO B 33 -19.40 10.42 -2.84
N LEU B 34 -19.67 9.61 -3.85
CA LEU B 34 -18.68 8.79 -4.53
C LEU B 34 -18.50 9.43 -5.89
N TYR B 35 -17.37 10.09 -6.14
CA TYR B 35 -17.01 10.61 -7.48
C TYR B 35 -16.12 9.61 -8.21
N SER B 36 -16.36 9.51 -9.51
CA SER B 36 -15.68 8.60 -10.41
C SER B 36 -15.42 9.36 -11.69
N LYS B 37 -14.54 8.78 -12.51
CA LYS B 37 -14.34 9.21 -13.89
C LYS B 37 -15.70 9.49 -14.63
N GLU B 38 -16.67 8.60 -14.47
CA GLU B 38 -17.96 8.78 -15.11
C GLU B 38 -18.64 10.12 -14.75
N LEU B 39 -18.65 10.39 -13.45
CA LEU B 39 -19.32 11.56 -12.95
C LEU B 39 -18.55 12.79 -13.37
N LEU B 40 -17.21 12.73 -13.23
CA LEU B 40 -16.35 13.83 -13.64
C LEU B 40 -16.43 14.08 -15.13
N ASP B 41 -16.65 13.04 -15.92
CA ASP B 41 -16.92 13.25 -17.32
C ASP B 41 -18.07 14.20 -17.53
N GLU B 42 -19.11 14.09 -16.71
CA GLU B 42 -20.23 15.05 -16.75
C GLU B 42 -19.93 16.42 -16.12
N VAL B 43 -19.71 16.43 -14.80
CA VAL B 43 -19.73 17.67 -14.01
C VAL B 43 -18.52 18.57 -14.18
N ALA B 44 -17.47 18.05 -14.82
CA ALA B 44 -16.22 18.77 -14.98
C ALA B 44 -16.01 19.19 -16.44
N LYS B 45 -17.04 19.05 -17.28
CA LYS B 45 -17.01 19.46 -18.71
C LYS B 45 -17.50 20.93 -18.96
N ASP B 46 -17.29 21.82 -18.00
CA ASP B 46 -17.37 23.26 -18.23
C ASP B 46 -16.70 24.02 -17.07
N VAL B 53 -5.05 30.29 -16.10
CA VAL B 53 -4.21 31.46 -15.81
C VAL B 53 -3.88 31.55 -14.31
N LEU B 54 -4.93 31.36 -13.50
CA LEU B 54 -4.86 31.35 -12.03
C LEU B 54 -4.21 30.04 -11.57
N GLU B 55 -4.26 29.05 -12.44
CA GLU B 55 -3.87 27.73 -12.06
C GLU B 55 -2.37 27.56 -12.22
N ARG B 56 -1.74 27.83 -11.09
CA ARG B 56 -0.41 27.37 -10.77
C ARG B 56 -0.43 27.42 -9.24
N PHE B 57 -1.14 26.44 -8.67
CA PHE B 57 -1.18 26.19 -7.24
C PHE B 57 0.01 25.28 -6.89
N ASP B 58 0.99 25.23 -7.82
CA ASP B 58 2.14 24.32 -7.77
C ASP B 58 1.77 22.84 -7.52
N GLU B 59 0.58 22.47 -7.99
CA GLU B 59 0.14 21.10 -8.01
C GLU B 59 0.68 20.46 -9.30
N LYS B 60 1.54 19.46 -9.11
CA LYS B 60 2.37 18.86 -10.18
C LYS B 60 1.59 18.42 -11.45
N PRO B 61 0.44 17.75 -11.29
CA PRO B 61 -0.29 17.27 -12.49
C PRO B 61 -0.80 18.40 -13.34
N MSE B 62 -1.15 19.50 -12.70
CA MSE B 62 -1.68 20.65 -13.41
C MSE B 62 -0.57 21.41 -14.13
O MSE B 62 -0.72 21.72 -15.30
CB MSE B 62 -2.45 21.56 -12.47
CG MSE B 62 -3.79 20.96 -12.01
SE MSE B 62 -4.82 22.42 -11.16
CE MSE B 62 -4.12 23.87 -12.23
N ASN B 63 0.52 21.71 -13.42
CA ASN B 63 1.67 22.37 -14.04
C ASN B 63 2.11 21.55 -15.25
N PHE B 64 2.25 20.26 -15.02
CA PHE B 64 2.63 19.33 -16.09
C PHE B 64 1.68 19.36 -17.30
N ALA B 65 0.38 19.24 -17.01
CA ALA B 65 -0.68 19.42 -18.02
C ALA B 65 -0.51 20.74 -18.79
N PHE B 66 -0.10 21.80 -18.12
CA PHE B 66 -0.02 23.10 -18.82
C PHE B 66 1.15 23.21 -19.78
N ILE B 67 2.18 22.37 -19.63
CA ILE B 67 3.39 22.54 -20.41
C ILE B 67 3.01 22.42 -21.88
N PRO B 68 3.41 23.41 -22.70
CA PRO B 68 3.09 23.42 -24.13
C PRO B 68 3.82 22.35 -24.97
N VAL B 69 3.25 22.08 -26.14
CA VAL B 69 3.77 21.07 -27.07
C VAL B 69 3.48 21.42 -28.52
N GLN B 80 -4.30 16.76 -21.67
CA GLN B 80 -5.72 16.99 -21.97
C GLN B 80 -6.30 18.18 -21.17
N ASP B 81 -6.97 19.06 -21.89
CA ASP B 81 -7.83 20.05 -21.28
C ASP B 81 -8.85 19.42 -20.33
N ILE B 82 -9.31 18.22 -20.67
CA ILE B 82 -10.27 17.51 -19.84
C ILE B 82 -9.65 17.22 -18.48
N ALA B 83 -8.39 16.81 -18.48
CA ALA B 83 -7.70 16.39 -17.28
C ALA B 83 -7.61 17.55 -16.31
N ILE B 84 -7.22 18.72 -16.81
CA ILE B 84 -7.16 19.93 -16.00
C ILE B 84 -8.49 20.28 -15.33
N ARG B 85 -9.56 20.14 -16.08
CA ARG B 85 -10.85 20.51 -15.55
C ARG B 85 -11.24 19.57 -14.44
N GLN B 86 -10.92 18.29 -14.60
CA GLN B 86 -11.26 17.33 -13.61
C GLN B 86 -10.41 17.52 -12.38
N PHE B 87 -9.13 17.82 -12.58
CA PHE B 87 -8.21 18.05 -11.45
C PHE B 87 -8.72 19.26 -10.68
N ASN B 88 -9.07 20.29 -11.41
CA ASN B 88 -9.53 21.49 -10.78
C ASN B 88 -10.87 21.31 -10.03
N PHE B 89 -11.81 20.53 -10.60
CA PHE B 89 -13.04 20.13 -9.89
C PHE B 89 -12.70 19.53 -8.54
N ILE B 90 -11.77 18.61 -8.54
CA ILE B 90 -11.40 17.86 -7.38
C ILE B 90 -10.75 18.74 -6.35
N ARG B 91 -9.87 19.62 -6.83
CA ARG B 91 -9.15 20.53 -5.99
C ARG B 91 -10.11 21.56 -5.35
N LYS B 92 -11.01 22.12 -6.13
CA LYS B 92 -12.00 23.07 -5.62
C LYS B 92 -12.92 22.45 -4.59
N LYS B 93 -13.46 21.27 -4.92
CA LYS B 93 -14.35 20.59 -3.99
C LYS B 93 -13.62 20.28 -2.69
N ALA B 94 -12.37 19.81 -2.78
CA ALA B 94 -11.62 19.56 -1.56
C ALA B 94 -11.24 20.81 -0.75
N ASN B 95 -10.75 21.85 -1.42
CA ASN B 95 -9.95 22.88 -0.75
C ASN B 95 -10.66 24.18 -0.56
N GLU B 96 -11.57 24.48 -1.45
CA GLU B 96 -12.32 25.71 -1.39
C GLU B 96 -13.72 25.46 -0.80
N GLU B 97 -14.42 24.41 -1.24
CA GLU B 97 -15.76 24.13 -0.72
C GLU B 97 -15.71 23.28 0.52
N LYS B 98 -14.55 22.67 0.77
CA LYS B 98 -14.32 21.83 1.94
C LYS B 98 -15.32 20.67 2.07
N GLU B 99 -15.67 20.11 0.92
CA GLU B 99 -16.57 18.98 0.89
C GLU B 99 -15.86 17.67 1.24
N SER B 100 -16.62 16.74 1.80
CA SER B 100 -16.17 15.40 2.02
C SER B 100 -16.64 14.51 0.88
N PHE B 101 -15.76 13.60 0.44
CA PHE B 101 -16.09 12.69 -0.67
C PHE B 101 -15.08 11.57 -0.82
N VAL B 102 -15.49 10.58 -1.61
CA VAL B 102 -14.64 9.50 -2.06
C VAL B 102 -14.41 9.76 -3.54
N ILE B 103 -13.16 9.61 -3.97
CA ILE B 103 -12.83 9.76 -5.36
C ILE B 103 -11.96 8.56 -5.78
N VAL B 104 -12.38 7.91 -6.85
CA VAL B 104 -11.65 6.79 -7.39
C VAL B 104 -10.79 7.31 -8.53
N GLY B 105 -9.51 6.97 -8.51
CA GLY B 105 -8.66 7.26 -9.62
C GLY B 105 -8.43 8.74 -9.76
N ARG B 106 -8.23 9.17 -11.01
CA ARG B 106 -8.13 10.58 -11.37
C ARG B 106 -6.97 11.35 -10.71
N CYS B 107 -5.91 10.63 -10.36
CA CYS B 107 -4.74 11.19 -9.72
C CYS B 107 -5.07 11.88 -8.41
N ALA B 108 -6.16 11.48 -7.77
CA ALA B 108 -6.65 12.31 -6.67
C ALA B 108 -5.66 12.38 -5.51
N GLU B 109 -4.94 11.30 -5.19
CA GLU B 109 -4.01 11.33 -4.07
C GLU B 109 -2.88 12.35 -4.35
N GLU B 110 -2.52 12.53 -5.62
CA GLU B 110 -1.51 13.52 -5.98
C GLU B 110 -2.05 14.95 -5.92
N ILE B 111 -3.22 15.17 -6.55
CA ILE B 111 -3.90 16.47 -6.52
C ILE B 111 -4.16 17.03 -5.09
N LEU B 112 -4.51 16.14 -4.16
CA LEU B 112 -4.90 16.51 -2.83
C LEU B 112 -3.84 16.20 -1.80
N SER B 113 -2.63 16.02 -2.30
CA SER B 113 -1.39 16.03 -1.52
C SER B 113 -1.35 16.96 -0.31
N ASP B 114 -1.58 18.22 -0.53
CA ASP B 114 -1.39 19.16 0.58
C ASP B 114 -2.60 19.20 1.52
N ASN B 115 -3.67 18.44 1.25
CA ASN B 115 -4.82 18.51 2.09
C ASN B 115 -4.68 17.45 3.15
N PRO B 116 -4.51 17.87 4.42
CA PRO B 116 -4.24 16.94 5.52
C PRO B 116 -5.44 16.10 5.93
N ASN B 117 -6.61 16.43 5.42
CA ASN B 117 -7.82 15.60 5.55
C ASN B 117 -8.00 14.46 4.54
N MSE B 118 -7.03 14.29 3.64
CA MSE B 118 -7.14 13.27 2.62
C MSE B 118 -6.35 12.03 3.07
O MSE B 118 -5.25 12.13 3.55
CB MSE B 118 -6.68 13.83 1.25
CG MSE B 118 -6.85 12.83 0.10
SE MSE B 118 -5.38 11.51 -0.04
CE MSE B 118 -4.00 12.76 -0.37
N ILE B 119 -6.99 10.88 2.94
CA ILE B 119 -6.35 9.56 3.07
C ILE B 119 -6.38 8.91 1.72
N SER B 120 -5.40 8.08 1.42
CA SER B 120 -5.46 7.29 0.21
C SER B 120 -5.19 5.82 0.43
N ALA B 121 -5.79 5.00 -0.41
CA ALA B 121 -5.77 3.58 -0.25
C ALA B 121 -5.70 3.00 -1.66
N PHE B 122 -4.82 2.02 -1.84
CA PHE B 122 -4.77 1.28 -3.11
C PHE B 122 -5.30 -0.14 -2.88
N ILE B 123 -6.28 -0.57 -3.68
CA ILE B 123 -6.90 -1.89 -3.57
C ILE B 123 -6.38 -2.81 -4.68
N LEU B 124 -5.96 -4.00 -4.28
CA LEU B 124 -5.42 -4.95 -5.20
C LEU B 124 -6.06 -6.29 -4.88
N GLY B 125 -5.78 -7.30 -5.69
CA GLY B 125 -6.30 -8.65 -5.38
C GLY B 125 -5.35 -9.73 -5.87
N ASP B 126 -5.56 -11.01 -5.53
CA ASP B 126 -4.76 -12.05 -6.22
C ASP B 126 -5.41 -12.38 -7.56
N LYS B 127 -4.68 -13.01 -8.47
CA LYS B 127 -5.26 -13.34 -9.79
C LYS B 127 -6.61 -14.05 -9.76
N ASP B 128 -6.67 -15.26 -9.19
CA ASP B 128 -7.93 -16.03 -9.14
C ASP B 128 -9.13 -15.16 -8.75
N THR B 129 -9.00 -14.48 -7.60
CA THR B 129 -10.07 -13.65 -7.07
C THR B 129 -10.55 -12.60 -8.07
N LYS B 130 -9.60 -11.83 -8.63
CA LYS B 130 -9.88 -10.84 -9.69
C LYS B 130 -10.48 -11.47 -10.95
N THR B 131 -9.89 -12.55 -11.44
CA THR B 131 -10.38 -13.14 -12.69
C THR B 131 -11.79 -13.62 -12.49
N LYS B 132 -12.07 -14.12 -11.29
CA LYS B 132 -13.41 -14.63 -11.04
C LYS B 132 -14.32 -13.42 -11.06
N ARG B 133 -13.96 -12.35 -10.35
CA ARG B 133 -14.86 -11.19 -10.27
C ARG B 133 -15.13 -10.59 -11.64
N VAL B 134 -14.08 -10.49 -12.46
CA VAL B 134 -14.18 -9.92 -13.82
C VAL B 134 -15.04 -10.77 -14.81
N MSE B 135 -14.79 -12.08 -14.88
CA MSE B 135 -15.61 -12.97 -15.73
C MSE B 135 -17.10 -12.85 -15.41
O MSE B 135 -17.94 -12.68 -16.29
CB MSE B 135 -15.20 -14.44 -15.55
CG MSE B 135 -13.78 -14.72 -15.97
SE MSE B 135 -13.36 -16.50 -15.37
CE MSE B 135 -14.56 -17.51 -16.62
N GLU B 136 -17.39 -12.94 -14.11
CA GLU B 136 -18.72 -12.77 -13.58
C GLU B 136 -19.30 -11.41 -13.86
N ARG B 137 -18.47 -10.36 -13.74
CA ARG B 137 -18.95 -9.01 -13.98
C ARG B 137 -19.21 -8.82 -15.46
N GLU B 138 -18.29 -9.27 -16.30
CA GLU B 138 -18.29 -8.89 -17.71
C GLU B 138 -18.74 -10.00 -18.68
N GLY B 139 -19.31 -11.09 -18.15
CA GLY B 139 -19.87 -12.17 -18.96
C GLY B 139 -18.85 -12.69 -19.94
N VAL B 140 -17.64 -12.91 -19.44
CA VAL B 140 -16.50 -13.15 -20.29
C VAL B 140 -15.80 -14.42 -19.79
N ASP B 141 -14.95 -15.03 -20.63
CA ASP B 141 -14.15 -16.19 -20.22
C ASP B 141 -12.86 -15.79 -19.49
N GLU B 142 -12.12 -16.80 -19.03
CA GLU B 142 -10.88 -16.57 -18.28
C GLU B 142 -9.86 -15.77 -19.11
N LYS B 143 -9.61 -16.24 -20.34
CA LYS B 143 -8.65 -15.65 -21.29
C LYS B 143 -8.89 -14.15 -21.41
N THR B 144 -10.11 -13.80 -21.79
CA THR B 144 -10.47 -12.40 -21.92
C THR B 144 -10.32 -11.63 -20.60
N ALA B 145 -10.82 -12.20 -19.51
CA ALA B 145 -10.73 -11.57 -18.21
C ALA B 145 -9.31 -11.15 -17.98
N LEU B 146 -8.37 -12.06 -18.18
CA LEU B 146 -6.98 -11.72 -17.85
C LEU B 146 -6.35 -10.68 -18.78
N ASN B 147 -6.77 -10.68 -20.03
CA ASN B 147 -6.36 -9.65 -20.98
C ASN B 147 -6.93 -8.33 -20.61
N MSE B 148 -8.22 -8.28 -20.31
CA MSE B 148 -8.80 -7.04 -19.81
C MSE B 148 -8.06 -6.50 -18.60
O MSE B 148 -7.81 -5.30 -18.50
CB MSE B 148 -10.24 -7.27 -19.44
CG MSE B 148 -11.16 -7.02 -20.58
SE MSE B 148 -12.88 -7.51 -19.94
CE MSE B 148 -12.67 -9.42 -20.26
N MSE B 149 -7.71 -7.37 -17.68
CA MSE B 149 -7.09 -6.92 -16.45
C MSE B 149 -5.77 -6.24 -16.79
O MSE B 149 -5.52 -5.12 -16.37
CB MSE B 149 -6.88 -8.08 -15.46
CG MSE B 149 -8.16 -8.54 -14.74
SE MSE B 149 -8.01 -10.37 -14.14
CE MSE B 149 -6.35 -10.17 -13.23
N LYS B 150 -4.95 -6.88 -17.64
CA LYS B 150 -3.66 -6.31 -18.03
C LYS B 150 -3.78 -5.00 -18.84
N LYS B 151 -4.84 -4.86 -19.61
CA LYS B 151 -4.99 -3.66 -20.41
C LYS B 151 -5.38 -2.44 -19.59
N MSE B 152 -6.35 -2.65 -18.72
CA MSE B 152 -6.85 -1.61 -17.89
C MSE B 152 -5.82 -1.16 -16.89
O MSE B 152 -5.65 0.04 -16.70
CB MSE B 152 -8.06 -2.14 -17.14
CG MSE B 152 -9.23 -2.46 -18.02
SE MSE B 152 -9.98 -0.93 -18.92
CE MSE B 152 -10.02 0.40 -17.50
N ASP B 153 -5.14 -2.12 -16.28
CA ASP B 153 -4.04 -1.79 -15.40
C ASP B 153 -2.94 -0.99 -16.12
N LYS B 154 -2.51 -1.42 -17.31
CA LYS B 154 -1.57 -0.60 -18.09
C LYS B 154 -2.16 0.77 -18.38
N MSE B 155 -3.45 0.82 -18.67
CA MSE B 155 -4.12 2.06 -18.99
C MSE B 155 -4.04 3.05 -17.79
O MSE B 155 -3.68 4.22 -17.94
CB MSE B 155 -5.56 1.81 -19.38
CG MSE B 155 -5.96 2.48 -20.70
SE MSE B 155 -7.46 1.54 -21.56
CE MSE B 155 -8.73 2.23 -20.21
N ARG B 156 -4.39 2.55 -16.61
CA ARG B 156 -4.39 3.35 -15.38
C ARG B 156 -3.00 3.78 -14.92
N LYS B 157 -2.04 2.87 -15.07
CA LYS B 157 -0.66 3.15 -14.79
C LYS B 157 -0.14 4.25 -15.69
N VAL B 158 -0.49 4.17 -16.98
CA VAL B 158 -0.07 5.15 -17.92
C VAL B 158 -0.69 6.51 -17.59
N TYR B 159 -1.99 6.54 -17.37
CA TYR B 159 -2.65 7.80 -17.05
C TYR B 159 -2.00 8.44 -15.79
N HIS B 160 -1.89 7.65 -14.73
CA HIS B 160 -1.32 8.10 -13.47
C HIS B 160 0.12 8.54 -13.57
N ASN B 161 0.96 7.75 -14.23
CA ASN B 161 2.42 8.05 -14.24
C ASN B 161 2.75 9.13 -15.25
N PHE B 162 1.81 9.41 -16.13
CA PHE B 162 2.00 10.54 -16.99
C PHE B 162 1.83 11.82 -16.17
N TYR B 163 0.77 11.94 -15.38
CA TYR B 163 0.51 13.21 -14.69
C TYR B 163 1.22 13.37 -13.35
N CYS B 164 1.63 12.28 -12.74
CA CYS B 164 2.28 12.31 -11.45
C CYS B 164 3.70 11.86 -11.58
N GLU B 165 4.51 12.19 -10.58
CA GLU B 165 5.89 11.71 -10.48
C GLU B 165 5.97 10.46 -9.59
N SER B 166 5.05 10.32 -8.66
CA SER B 166 4.92 9.06 -7.90
C SER B 166 4.39 7.93 -8.83
N LYS B 167 4.53 6.69 -8.36
CA LYS B 167 4.28 5.53 -9.23
C LYS B 167 3.01 4.80 -8.84
N TRP B 168 2.16 4.60 -9.83
CA TRP B 168 0.92 3.85 -9.68
C TRP B 168 1.21 2.49 -9.04
N GLY B 169 0.52 2.16 -7.97
CA GLY B 169 0.67 0.84 -7.35
C GLY B 169 1.84 0.65 -6.38
N ASP B 170 2.73 1.63 -6.29
CA ASP B 170 3.85 1.59 -5.35
C ASP B 170 3.30 1.89 -3.95
N SER B 171 3.69 1.16 -2.90
CA SER B 171 3.14 1.43 -1.54
C SER B 171 3.38 2.90 -1.10
N ARG B 172 4.47 3.49 -1.53
CA ARG B 172 4.80 4.85 -1.13
C ARG B 172 3.87 5.90 -1.71
N THR B 173 3.13 5.55 -2.76
CA THR B 173 2.20 6.45 -3.31
C THR B 173 0.95 6.62 -2.42
N TYR B 174 0.68 5.70 -1.49
CA TYR B 174 -0.56 5.65 -0.71
C TYR B 174 -0.32 5.52 0.82
N ASP B 175 -1.35 5.84 1.59
CA ASP B 175 -1.38 5.55 3.01
C ASP B 175 -1.63 4.12 3.39
N ILE B 176 -2.49 3.47 2.62
CA ILE B 176 -2.84 2.07 2.80
C ILE B 176 -2.91 1.32 1.47
N CYS B 177 -2.49 0.06 1.43
CA CYS B 177 -2.75 -0.84 0.33
C CYS B 177 -3.26 -2.10 0.92
N ILE B 178 -4.31 -2.69 0.34
CA ILE B 178 -4.90 -3.91 0.87
C ILE B 178 -5.20 -4.87 -0.29
N LYS B 179 -4.67 -6.08 -0.20
CA LYS B 179 -4.89 -7.11 -1.24
C LYS B 179 -6.10 -7.92 -0.88
N ILE B 180 -7.07 -7.94 -1.77
CA ILE B 180 -8.30 -8.65 -1.58
C ILE B 180 -8.15 -10.03 -2.18
N GLY B 181 -8.39 -11.02 -1.36
CA GLY B 181 -8.07 -12.40 -1.66
C GLY B 181 -8.18 -13.15 -0.37
N LYS B 182 -7.11 -13.20 0.40
CA LYS B 182 -7.17 -13.80 1.72
C LYS B 182 -8.23 -13.14 2.57
N VAL B 183 -8.63 -11.94 2.22
CA VAL B 183 -9.71 -11.24 2.92
C VAL B 183 -10.69 -10.64 1.92
N ASP B 184 -11.94 -10.43 2.36
CA ASP B 184 -13.02 -9.96 1.48
C ASP B 184 -13.13 -8.45 1.49
N VAL B 185 -14.06 -7.91 0.69
CA VAL B 185 -14.27 -6.45 0.53
C VAL B 185 -14.70 -5.77 1.83
N ASP B 186 -15.52 -6.44 2.61
CA ASP B 186 -15.93 -5.93 3.91
C ASP B 186 -14.77 -5.78 4.87
N THR B 187 -13.77 -6.67 4.81
CA THR B 187 -12.66 -6.62 5.72
C THR B 187 -11.71 -5.46 5.36
N ALA B 188 -11.44 -5.29 4.05
CA ALA B 188 -10.68 -4.15 3.53
C ALA B 188 -11.35 -2.81 3.85
N THR B 189 -12.65 -2.72 3.66
CA THR B 189 -13.37 -1.49 3.94
C THR B 189 -13.21 -1.13 5.43
N ASP B 190 -13.36 -2.13 6.32
CA ASP B 190 -13.29 -1.90 7.78
C ASP B 190 -11.92 -1.42 8.19
N MSE B 191 -10.89 -1.96 7.55
CA MSE B 191 -9.55 -1.61 7.90
C MSE B 191 -9.24 -0.17 7.48
O MSE B 191 -8.42 0.49 8.13
CB MSE B 191 -8.58 -2.54 7.20
CG MSE B 191 -8.69 -3.98 7.66
SE MSE B 191 -7.63 -5.15 6.52
CE MSE B 191 -5.89 -4.41 6.92
N ILE B 192 -9.87 0.30 6.38
CA ILE B 192 -9.65 1.67 5.90
C ILE B 192 -10.34 2.62 6.86
N ILE B 193 -11.50 2.20 7.35
CA ILE B 193 -12.28 3.01 8.29
C ILE B 193 -11.53 3.15 9.64
N LYS B 194 -10.92 2.07 10.07
CA LYS B 194 -10.09 2.09 11.27
C LYS B 194 -8.91 3.03 11.10
N TYR B 195 -8.22 2.95 9.95
CA TYR B 195 -7.13 3.88 9.68
C TYR B 195 -7.64 5.33 9.84
N ILE B 196 -8.74 5.61 9.17
CA ILE B 196 -9.28 6.99 9.09
C ILE B 196 -9.69 7.51 10.46
N ASP B 197 -10.41 6.66 11.21
CA ASP B 197 -10.96 7.07 12.49
C ASP B 197 -9.92 7.08 13.62
N SER B 198 -8.79 6.45 13.43
CA SER B 198 -7.75 6.46 14.45
C SER B 198 -6.72 7.52 14.11
N ARG B 199 -7.09 8.45 13.25
CA ARG B 199 -6.21 9.55 12.90
C ARG B 199 -6.88 10.85 13.37
S SO4 C . 16.97 -7.71 6.38
O1 SO4 C . 16.72 -7.16 7.68
O2 SO4 C . 18.43 -7.60 6.09
O3 SO4 C . 16.49 -9.09 6.37
O4 SO4 C . 16.27 -6.96 5.32
S SO4 D . 12.33 0.29 11.58
O1 SO4 D . 11.79 1.40 12.43
O2 SO4 D . 13.69 0.49 11.09
O3 SO4 D . 12.21 -0.92 12.39
O4 SO4 D . 11.37 0.10 10.46
CL CL E . 12.28 -5.13 4.10
S SO4 F . -9.58 6.35 -13.71
O1 SO4 F . -9.67 7.70 -13.18
O2 SO4 F . -8.39 5.78 -13.07
O3 SO4 F . -10.79 5.59 -13.43
O4 SO4 F . -9.45 6.44 -15.19
S SO4 G . -12.68 -2.94 -9.68
O1 SO4 G . -13.57 -1.84 -9.29
O2 SO4 G . -12.46 -2.99 -11.11
O3 SO4 G . -11.43 -2.59 -8.97
O4 SO4 G . -13.27 -4.23 -9.19
CL CL H . -6.15 3.68 -9.91
#